data_2RDT
#
_entry.id   2RDT
#
_cell.length_a   96.322
_cell.length_b   96.322
_cell.length_c   79.194
_cell.angle_alpha   90.00
_cell.angle_beta   90.00
_cell.angle_gamma   90.00
#
_symmetry.space_group_name_H-M   'I 4'
#
loop_
_entity.id
_entity.type
_entity.pdbx_description
1 polymer 'Hydroxyacid oxidase 1'
2 non-polymer 'FLAVIN MONONUCLEOTIDE'
3 non-polymer '5-(dodecylthio)-1H-1,2,3-triazole-4-carboxylic acid'
4 water water
#
_entity_poly.entity_id   1
_entity_poly.type   'polypeptide(L)'
_entity_poly.pdbx_seq_one_letter_code
;GSHMASMTGGQQMGRGSMLPRLICINDYEQHAKSVLPKSIYDYYRSGANDEETLADNIAAFSRWKLYPRMLRNVAETDLS
TSVLGQRVSMPICVGATAMQRMAHVDGELATVRACQSLGTGMMLSSWATSSIEEVAEAGPEALRWLQLYIYKDREVTKKL
VRQAEKMGYKAIFVTVDTPYLGNRLDDVRNRFKLPPQLRMKNFETSTLSFSPEENFGDDSGLAAYVAKAIDPSISWEDIK
WLRRLTSLPIVAKGILRGDDAREAVKHGLNGILVSNHGARQLDGVPATIDVLPEIVEAVEGKVEVFLDGGVRKGTDVLKA
LALGAKAVFVGRPIVWGLAFQGEKGVQDVLEILKEEFRLAMALSGCQNVKVIDKTLVRKNPLAVSKI
;
_entity_poly.pdbx_strand_id   A
#
# COMPACT_ATOMS: atom_id res chain seq x y z
N SER A 17 15.44 13.10 20.58
CA SER A 17 14.44 13.32 19.49
C SER A 17 13.07 13.85 19.96
N MET A 18 12.15 13.97 19.00
CA MET A 18 10.78 14.42 19.23
C MET A 18 10.06 13.57 20.26
N LEU A 19 9.26 14.22 21.09
CA LEU A 19 8.45 13.56 22.12
C LEU A 19 6.95 13.54 21.82
N PRO A 20 6.24 12.48 22.27
CA PRO A 20 6.80 11.31 22.96
C PRO A 20 7.70 10.45 22.05
N ARG A 21 8.54 9.61 22.69
CA ARG A 21 9.51 8.75 22.00
C ARG A 21 8.89 7.48 21.35
N LEU A 22 8.87 7.45 20.02
CA LEU A 22 8.19 6.41 19.29
C LEU A 22 9.24 5.74 18.43
N ILE A 23 9.31 4.42 18.51
CA ILE A 23 10.48 3.73 17.96
C ILE A 23 10.14 2.54 17.08
N CYS A 24 8.84 2.28 16.94
CA CYS A 24 8.33 1.23 16.06
C CYS A 24 6.94 1.68 15.61
N ILE A 25 6.40 1.05 14.57
CA ILE A 25 5.13 1.45 14.00
C ILE A 25 3.95 1.40 15.01
N ASN A 26 3.97 0.43 15.92
CA ASN A 26 2.88 0.26 16.90
C ASN A 26 2.78 1.47 17.84
N ASP A 27 3.94 2.06 18.18
CA ASP A 27 4.03 3.29 18.99
C ASP A 27 3.30 4.45 18.36
N TYR A 28 3.50 4.61 17.05
CA TYR A 28 2.76 5.58 16.23
C TYR A 28 1.24 5.40 16.26
N GLU A 29 0.78 4.15 16.17
CA GLU A 29 -0.64 3.92 16.31
C GLU A 29 -1.12 4.27 17.72
N GLN A 30 -0.34 3.85 18.70
CA GLN A 30 -0.70 4.11 20.11
C GLN A 30 -0.76 5.64 20.37
N HIS A 31 0.23 6.38 19.84
CA HIS A 31 0.18 7.84 19.90
C HIS A 31 -1.07 8.41 19.19
N ALA A 32 -1.35 7.91 17.98
CA ALA A 32 -2.48 8.44 17.19
C ALA A 32 -3.82 8.23 17.91
N LYS A 33 -3.99 7.06 18.55
CA LYS A 33 -5.16 6.81 19.37
C LYS A 33 -5.29 7.84 20.51
N SER A 34 -4.17 8.31 21.05
CA SER A 34 -4.24 9.24 22.17
C SER A 34 -4.59 10.68 21.74
N VAL A 35 -4.26 11.08 20.52
CA VAL A 35 -4.47 12.47 20.09
C VAL A 35 -5.64 12.70 19.12
N LEU A 36 -6.05 11.67 18.38
CA LEU A 36 -7.12 11.81 17.39
C LEU A 36 -8.51 11.68 18.01
N PRO A 37 -9.48 12.50 17.55
CA PRO A 37 -10.88 12.23 17.91
C PRO A 37 -11.23 10.76 17.62
N LYS A 38 -11.99 10.13 18.51
CA LYS A 38 -12.33 8.71 18.41
C LYS A 38 -12.82 8.30 17.02
N SER A 39 -13.78 9.03 16.47
CA SER A 39 -14.37 8.67 15.17
C SER A 39 -13.35 8.73 14.02
N ILE A 40 -12.35 9.60 14.15
CA ILE A 40 -11.27 9.67 13.14
C ILE A 40 -10.28 8.51 13.33
N TYR A 41 -9.86 8.30 14.58
CA TYR A 41 -9.00 7.15 14.89
C TYR A 41 -9.65 5.84 14.45
N ASP A 42 -10.90 5.67 14.85
CA ASP A 42 -11.71 4.52 14.49
C ASP A 42 -11.84 4.32 12.99
N TYR A 43 -12.11 5.41 12.28
CA TYR A 43 -12.20 5.36 10.82
C TYR A 43 -10.92 4.76 10.22
N TYR A 44 -9.78 5.25 10.68
CA TYR A 44 -8.47 4.78 10.24
C TYR A 44 -8.11 3.35 10.62
N ARG A 45 -8.38 2.98 11.87
CA ARG A 45 -8.06 1.66 12.44
C ARG A 45 -8.93 0.53 11.88
N SER A 46 -10.22 0.81 11.71
CA SER A 46 -11.23 -0.23 11.54
C SER A 46 -10.91 -1.20 10.42
N GLY A 47 -11.32 -2.45 10.64
CA GLY A 47 -11.50 -3.42 9.56
C GLY A 47 -13.00 -3.58 9.32
N ALA A 48 -13.35 -4.48 8.41
CA ALA A 48 -14.74 -4.81 8.12
C ALA A 48 -15.33 -5.74 9.18
N ASN A 49 -16.59 -5.51 9.53
CA ASN A 49 -17.39 -6.46 10.36
C ASN A 49 -16.67 -6.89 11.63
N ASP A 50 -16.39 -8.19 11.80
CA ASP A 50 -15.75 -8.63 13.04
C ASP A 50 -14.23 -8.49 13.05
N GLU A 51 -13.67 -7.94 11.96
CA GLU A 51 -12.23 -7.67 11.84
C GLU A 51 -11.39 -8.93 11.96
N GLU A 52 -11.90 -10.03 11.43
CA GLU A 52 -11.17 -11.27 11.39
C GLU A 52 -9.92 -11.15 10.51
N THR A 53 -10.09 -10.61 9.31
CA THR A 53 -8.98 -10.45 8.36
C THR A 53 -7.98 -9.41 8.86
N LEU A 54 -8.48 -8.42 9.62
CA LEU A 54 -7.60 -7.38 10.15
C LEU A 54 -6.59 -7.99 11.14
N ALA A 55 -7.09 -8.88 11.99
CA ALA A 55 -6.20 -9.58 12.91
C ALA A 55 -5.25 -10.50 12.15
N ASP A 56 -5.78 -11.15 11.10
CA ASP A 56 -5.01 -12.10 10.31
C ASP A 56 -3.93 -11.45 9.43
N ASN A 57 -4.17 -10.25 8.88
CA ASN A 57 -3.12 -9.58 8.11
C ASN A 57 -1.79 -9.51 8.90
N ILE A 58 -1.92 -9.30 10.21
CA ILE A 58 -0.77 -9.25 11.12
C ILE A 58 -0.34 -10.64 11.60
N ALA A 59 -1.26 -11.41 12.15
CA ALA A 59 -0.93 -12.73 12.69
C ALA A 59 -0.27 -13.60 11.61
N ALA A 60 -0.76 -13.48 10.37
CA ALA A 60 -0.19 -14.26 9.27
C ALA A 60 1.32 -14.03 9.04
N PHE A 61 1.76 -12.79 9.14
CA PHE A 61 3.19 -12.48 8.99
C PHE A 61 3.98 -13.25 10.04
N SER A 62 3.46 -13.31 11.27
CA SER A 62 4.10 -14.01 12.39
CA SER A 62 4.15 -14.00 12.36
C SER A 62 4.28 -15.52 12.15
N ARG A 63 3.37 -16.12 11.38
CA ARG A 63 3.44 -17.58 11.10
C ARG A 63 4.53 -17.94 10.11
N TRP A 64 4.80 -17.05 9.16
CA TRP A 64 5.95 -17.19 8.26
C TRP A 64 7.26 -16.97 9.02
N LYS A 65 8.04 -18.03 9.15
CA LYS A 65 9.28 -17.96 9.93
C LYS A 65 10.44 -17.69 9.01
N LEU A 66 11.43 -16.94 9.50
CA LEU A 66 12.65 -16.62 8.73
C LEU A 66 13.82 -17.61 8.97
N TYR A 67 14.54 -17.93 7.91
CA TYR A 67 15.66 -18.88 7.93
C TYR A 67 16.93 -18.17 7.46
N PRO A 68 17.55 -17.38 8.37
CA PRO A 68 18.63 -16.47 7.97
C PRO A 68 19.89 -17.22 7.57
N ARG A 69 20.54 -16.74 6.51
CA ARG A 69 21.87 -17.22 6.17
C ARG A 69 22.89 -16.39 6.95
N MET A 70 23.90 -17.08 7.49
CA MET A 70 25.01 -16.44 8.19
C MET A 70 26.23 -16.29 7.30
N LEU A 71 27.12 -15.38 7.69
CA LEU A 71 28.46 -15.27 7.07
C LEU A 71 28.44 -14.96 5.57
N ARG A 72 27.62 -13.98 5.21
CA ARG A 72 27.47 -13.61 3.81
C ARG A 72 28.16 -12.30 3.47
N ASN A 73 28.56 -11.55 4.51
CA ASN A 73 29.15 -10.22 4.36
C ASN A 73 28.03 -9.22 4.07
N VAL A 74 27.56 -8.55 5.13
CA VAL A 74 26.47 -7.57 5.03
C VAL A 74 26.93 -6.18 5.53
N ALA A 75 28.21 -5.89 5.29
CA ALA A 75 28.81 -4.59 5.61
C ALA A 75 28.19 -3.48 4.77
N GLU A 76 27.80 -3.82 3.55
CA GLU A 76 27.15 -2.84 2.73
C GLU A 76 25.82 -3.39 2.30
N THR A 77 24.79 -2.59 2.57
CA THR A 77 23.45 -2.95 2.14
C THR A 77 22.95 -1.88 1.19
N ASP A 78 22.23 -2.34 0.18
CA ASP A 78 21.63 -1.47 -0.80
C ASP A 78 20.19 -1.92 -0.85
N LEU A 79 19.29 -1.09 -0.34
CA LEU A 79 17.88 -1.44 -0.29
C LEU A 79 17.11 -1.04 -1.55
N SER A 80 17.81 -0.47 -2.53
CA SER A 80 17.14 0.06 -3.71
C SER A 80 16.57 -1.04 -4.59
N THR A 81 15.49 -0.70 -5.28
CA THR A 81 14.84 -1.61 -6.17
C THR A 81 14.12 -0.77 -7.22
N SER A 82 13.16 -1.35 -7.92
CA SER A 82 12.44 -0.63 -8.95
C SER A 82 10.98 -1.10 -8.94
N VAL A 83 10.07 -0.18 -9.21
CA VAL A 83 8.64 -0.48 -9.24
C VAL A 83 8.15 -0.01 -10.58
N LEU A 84 7.64 -0.95 -11.37
CA LEU A 84 7.12 -0.67 -12.72
C LEU A 84 8.13 0.13 -13.55
N GLY A 85 9.41 -0.20 -13.37
CA GLY A 85 10.51 0.34 -14.18
C GLY A 85 11.11 1.63 -13.63
N GLN A 86 10.57 2.12 -12.54
CA GLN A 86 11.09 3.33 -11.90
C GLN A 86 11.83 2.95 -10.63
N ARG A 87 13.03 3.49 -10.47
CA ARG A 87 13.86 3.26 -9.31
C ARG A 87 13.27 3.86 -8.02
N VAL A 88 13.40 3.10 -6.93
CA VAL A 88 13.04 3.56 -5.60
C VAL A 88 14.17 3.21 -4.61
N SER A 89 14.26 3.99 -3.54
CA SER A 89 15.27 3.79 -2.49
C SER A 89 15.10 2.50 -1.68
N MET A 90 13.90 1.92 -1.73
CA MET A 90 13.54 0.77 -0.88
C MET A 90 12.24 0.12 -1.38
N PRO A 91 12.04 -1.18 -1.10
CA PRO A 91 10.84 -1.85 -1.61
C PRO A 91 9.62 -1.60 -0.68
N ILE A 92 9.50 -0.35 -0.22
CA ILE A 92 8.53 0.09 0.80
C ILE A 92 7.98 1.44 0.32
N CYS A 93 6.69 1.46 -0.02
CA CYS A 93 6.07 2.62 -0.67
C CYS A 93 4.76 2.97 0.03
N VAL A 94 4.24 4.16 -0.25
CA VAL A 94 3.08 4.68 0.47
C VAL A 94 1.83 4.26 -0.34
N GLY A 95 0.94 3.49 0.28
CA GLY A 95 -0.34 3.14 -0.34
C GLY A 95 -1.39 4.23 -0.19
N ALA A 96 -2.39 4.22 -1.07
CA ALA A 96 -3.50 5.18 -1.01
C ALA A 96 -4.32 5.09 0.27
N THR A 97 -4.43 6.19 1.00
CA THR A 97 -5.35 6.25 2.13
C THR A 97 -6.13 7.54 2.02
N ALA A 98 -7.44 7.42 1.82
CA ALA A 98 -8.37 8.54 1.73
C ALA A 98 -8.22 9.53 2.89
N MET A 99 -8.49 10.80 2.58
CA MET A 99 -8.76 11.81 3.58
C MET A 99 -7.65 11.94 4.61
N GLN A 100 -6.42 12.06 4.13
CA GLN A 100 -5.28 12.25 5.03
C GLN A 100 -5.31 13.57 5.80
N ARG A 101 -6.00 14.59 5.27
CA ARG A 101 -6.08 15.87 6.00
C ARG A 101 -6.84 15.79 7.34
N MET A 102 -7.52 14.67 7.61
CA MET A 102 -8.08 14.43 8.94
C MET A 102 -7.02 14.12 10.00
N ALA A 103 -5.90 13.54 9.57
CA ALA A 103 -4.82 13.19 10.49
C ALA A 103 -3.89 14.38 10.73
N HIS A 104 -3.71 15.19 9.69
CA HIS A 104 -2.86 16.38 9.75
C HIS A 104 -3.28 17.40 8.70
N VAL A 105 -3.19 18.67 9.06
CA VAL A 105 -3.47 19.81 8.20
C VAL A 105 -2.80 19.73 6.82
N ASP A 106 -1.57 19.22 6.77
CA ASP A 106 -0.84 19.14 5.50
C ASP A 106 -1.21 17.95 4.64
N GLY A 107 -1.90 17.00 5.26
CA GLY A 107 -2.38 15.78 4.60
C GLY A 107 -1.45 15.20 3.57
N GLU A 108 -1.95 15.06 2.35
CA GLU A 108 -1.22 14.42 1.25
C GLU A 108 0.00 15.23 0.78
N LEU A 109 0.01 16.55 1.03
CA LEU A 109 1.20 17.36 0.70
C LEU A 109 2.38 16.96 1.60
N ALA A 110 2.11 16.77 2.90
CA ALA A 110 3.11 16.26 3.85
C ALA A 110 3.62 14.89 3.42
N THR A 111 2.72 14.03 2.98
CA THR A 111 3.06 12.69 2.56
C THR A 111 3.98 12.65 1.35
N VAL A 112 3.64 13.37 0.29
CA VAL A 112 4.48 13.41 -0.90
C VAL A 112 5.85 14.04 -0.63
N ARG A 113 5.88 15.07 0.22
CA ARG A 113 7.15 15.70 0.60
C ARG A 113 8.08 14.65 1.24
N ALA A 114 7.52 13.86 2.18
CA ALA A 114 8.28 12.78 2.84
C ALA A 114 8.74 11.72 1.83
N CYS A 115 7.88 11.36 0.88
CA CYS A 115 8.26 10.37 -0.13
C CYS A 115 9.40 10.91 -0.99
N GLN A 116 9.34 12.21 -1.31
CA GLN A 116 10.42 12.86 -2.06
C GLN A 116 11.75 12.77 -1.29
N SER A 117 11.70 13.10 0.00
CA SER A 117 12.89 13.05 0.86
C SER A 117 13.53 11.65 0.90
N LEU A 118 12.71 10.62 1.07
CA LEU A 118 13.12 9.21 1.20
C LEU A 118 13.48 8.55 -0.11
N GLY A 119 12.93 9.05 -1.23
CA GLY A 119 13.19 8.48 -2.55
C GLY A 119 12.33 7.28 -2.86
N THR A 120 11.15 7.24 -2.24
CA THR A 120 10.19 6.19 -2.51
C THR A 120 8.92 6.79 -3.12
N GLY A 121 8.04 5.92 -3.60
CA GLY A 121 6.84 6.34 -4.31
C GLY A 121 5.62 6.50 -3.42
N MET A 122 4.77 7.44 -3.82
CA MET A 122 3.51 7.71 -3.13
C MET A 122 2.32 7.35 -4.02
N MET A 123 1.45 6.48 -3.52
CA MET A 123 0.20 6.18 -4.22
C MET A 123 -0.89 7.13 -3.71
N LEU A 124 -1.39 8.00 -4.60
CA LEU A 124 -2.41 9.00 -4.22
C LEU A 124 -3.84 8.50 -4.39
N SER A 125 -4.60 8.56 -3.30
CA SER A 125 -6.03 8.22 -3.32
C SER A 125 -6.78 9.10 -4.31
N SER A 126 -7.72 8.51 -5.06
CA SER A 126 -8.76 9.28 -5.76
C SER A 126 -9.61 10.13 -4.79
N TRP A 127 -9.73 9.67 -3.55
CA TRP A 127 -10.43 10.40 -2.49
C TRP A 127 -9.45 11.23 -1.64
N ALA A 128 -8.46 11.84 -2.30
CA ALA A 128 -7.51 12.70 -1.60
C ALA A 128 -8.19 14.03 -1.26
N THR A 129 -7.78 14.61 -0.13
CA THR A 129 -8.12 15.96 0.32
C THR A 129 -7.14 17.01 -0.23
N SER A 130 -6.38 16.60 -1.25
CA SER A 130 -5.48 17.46 -2.03
C SER A 130 -5.58 17.00 -3.49
N SER A 131 -5.47 17.94 -4.42
CA SER A 131 -5.66 17.61 -5.83
C SER A 131 -4.42 16.93 -6.42
N ILE A 132 -4.62 16.21 -7.54
CA ILE A 132 -3.52 15.64 -8.32
C ILE A 132 -2.44 16.70 -8.58
N GLU A 133 -2.87 17.86 -9.07
CA GLU A 133 -1.95 18.96 -9.40
C GLU A 133 -1.16 19.43 -8.16
N GLU A 134 -1.86 19.63 -7.03
CA GLU A 134 -1.22 20.16 -5.84
C GLU A 134 -0.16 19.20 -5.29
N VAL A 135 -0.46 17.91 -5.36
CA VAL A 135 0.45 16.88 -4.89
C VAL A 135 1.69 16.86 -5.77
N ALA A 136 1.50 17.04 -7.07
CA ALA A 136 2.63 17.12 -8.02
C ALA A 136 3.52 18.32 -7.70
N GLU A 137 2.91 19.42 -7.28
CA GLU A 137 3.62 20.66 -6.99
C GLU A 137 4.34 20.66 -5.64
N ALA A 138 3.75 20.00 -4.66
CA ALA A 138 4.41 19.80 -3.36
C ALA A 138 5.63 18.87 -3.49
N GLY A 139 5.48 17.78 -4.25
CA GLY A 139 6.57 16.80 -4.46
C GLY A 139 6.93 16.57 -5.92
N PRO A 140 7.44 17.60 -6.61
CA PRO A 140 7.66 17.50 -8.06
C PRO A 140 8.69 16.44 -8.48
N GLU A 141 9.63 16.13 -7.59
CA GLU A 141 10.62 15.09 -7.82
C GLU A 141 10.27 13.75 -7.22
N ALA A 142 9.13 13.68 -6.53
CA ALA A 142 8.71 12.42 -5.93
C ALA A 142 8.20 11.49 -7.01
N LEU A 143 8.40 10.19 -6.81
CA LEU A 143 7.73 9.18 -7.60
C LEU A 143 6.26 9.11 -7.13
N ARG A 144 5.35 9.39 -8.06
CA ARG A 144 3.95 9.56 -7.78
C ARG A 144 3.12 8.67 -8.69
N TRP A 145 2.15 8.02 -8.08
CA TRP A 145 1.17 7.21 -8.81
C TRP A 145 -0.23 7.59 -8.40
N LEU A 146 -1.19 7.33 -9.27
CA LEU A 146 -2.59 7.60 -8.93
C LEU A 146 -3.33 6.31 -8.62
N GLN A 147 -4.02 6.32 -7.49
CA GLN A 147 -4.96 5.25 -7.21
C GLN A 147 -6.30 5.71 -7.77
N LEU A 148 -6.84 4.90 -8.66
CA LEU A 148 -8.03 5.27 -9.39
C LEU A 148 -9.21 4.39 -9.01
N TYR A 149 -10.33 5.03 -8.72
CA TYR A 149 -11.60 4.35 -8.73
C TYR A 149 -12.31 4.61 -10.04
N ILE A 150 -12.95 3.58 -10.58
CA ILE A 150 -13.81 3.78 -11.73
C ILE A 150 -15.20 4.25 -11.26
N TYR A 151 -15.39 5.57 -11.31
CA TYR A 151 -16.64 6.17 -10.93
C TYR A 151 -17.73 5.87 -11.97
N LYS A 152 -18.98 5.87 -11.53
CA LYS A 152 -20.10 5.79 -12.48
C LYS A 152 -19.93 6.83 -13.58
N ASP A 153 -19.44 8.00 -13.19
CA ASP A 153 -19.09 9.05 -14.11
C ASP A 153 -17.72 8.73 -14.72
N ARG A 154 -17.71 8.21 -15.95
CA ARG A 154 -16.47 7.86 -16.64
C ARG A 154 -15.73 9.10 -17.13
N GLU A 155 -16.45 10.21 -17.22
CA GLU A 155 -15.83 11.48 -17.63
C GLU A 155 -14.85 11.97 -16.57
N VAL A 156 -15.26 11.99 -15.31
CA VAL A 156 -14.32 12.32 -14.22
C VAL A 156 -13.25 11.23 -14.06
N THR A 157 -13.63 9.96 -14.28
CA THR A 157 -12.67 8.87 -14.22
C THR A 157 -11.50 9.16 -15.20
N LYS A 158 -11.85 9.42 -16.47
CA LYS A 158 -10.92 9.82 -17.51
C LYS A 158 -10.15 11.12 -17.16
N LYS A 159 -10.84 12.10 -16.57
CA LYS A 159 -10.19 13.37 -16.20
C LYS A 159 -9.03 13.16 -15.23
N LEU A 160 -9.26 12.31 -14.23
CA LEU A 160 -8.25 11.93 -13.22
C LEU A 160 -7.01 11.31 -13.86
N VAL A 161 -7.21 10.32 -14.74
CA VAL A 161 -6.10 9.70 -15.51
C VAL A 161 -5.32 10.77 -16.28
N ARG A 162 -6.03 11.64 -16.99
CA ARG A 162 -5.40 12.68 -17.82
C ARG A 162 -4.64 13.70 -16.98
N GLN A 163 -5.21 14.10 -15.85
CA GLN A 163 -4.47 14.94 -14.89
C GLN A 163 -3.23 14.23 -14.33
N ALA A 164 -3.38 12.96 -13.97
CA ALA A 164 -2.23 12.16 -13.54
C ALA A 164 -1.13 12.13 -14.62
N GLU A 165 -1.50 11.87 -15.87
CA GLU A 165 -0.53 11.82 -16.98
C GLU A 165 0.18 13.16 -17.18
N LYS A 166 -0.62 14.21 -17.23
CA LYS A 166 -0.16 15.58 -17.45
C LYS A 166 0.74 16.06 -16.30
N MET A 167 0.39 15.67 -15.08
CA MET A 167 1.14 16.07 -13.88
C MET A 167 2.35 15.20 -13.54
N GLY A 168 2.73 14.32 -14.45
CA GLY A 168 3.93 13.51 -14.28
C GLY A 168 3.84 12.34 -13.31
N TYR A 169 2.62 11.79 -13.12
CA TYR A 169 2.43 10.53 -12.40
C TYR A 169 2.86 9.38 -13.30
N LYS A 170 3.28 8.27 -12.70
CA LYS A 170 4.00 7.20 -13.41
C LYS A 170 3.30 5.86 -13.46
N ALA A 171 2.13 5.78 -12.83
CA ALA A 171 1.23 4.62 -12.93
C ALA A 171 -0.15 4.93 -12.39
N ILE A 172 -1.09 4.06 -12.76
CA ILE A 172 -2.44 4.06 -12.26
C ILE A 172 -2.58 2.75 -11.50
N PHE A 173 -3.00 2.84 -10.25
CA PHE A 173 -3.41 1.67 -9.50
C PHE A 173 -4.92 1.64 -9.50
N VAL A 174 -5.50 0.73 -10.27
CA VAL A 174 -6.95 0.66 -10.33
C VAL A 174 -7.45 -0.29 -9.24
N THR A 175 -8.25 0.25 -8.31
CA THR A 175 -8.78 -0.53 -7.20
C THR A 175 -10.02 -1.31 -7.67
N VAL A 176 -9.98 -2.63 -7.49
CA VAL A 176 -10.96 -3.53 -8.11
C VAL A 176 -11.73 -4.35 -7.06
N ASP A 177 -11.49 -4.05 -5.79
CA ASP A 177 -12.10 -4.76 -4.67
C ASP A 177 -13.17 -3.94 -3.92
N THR A 178 -13.57 -2.81 -4.51
CA THR A 178 -14.51 -1.89 -3.87
C THR A 178 -15.71 -1.51 -4.77
N PRO A 179 -16.49 -2.49 -5.28
CA PRO A 179 -17.71 -2.10 -6.00
C PRO A 179 -18.71 -1.38 -5.07
N TYR A 180 -18.65 -1.73 -3.78
CA TYR A 180 -19.36 -1.09 -2.69
C TYR A 180 -18.34 -1.00 -1.57
N LEU A 181 -18.57 -0.11 -0.61
CA LEU A 181 -17.71 -0.06 0.59
C LEU A 181 -18.07 -1.15 1.57
N GLY A 182 -17.04 -1.69 2.23
CA GLY A 182 -17.22 -2.64 3.29
C GLY A 182 -17.95 -2.01 4.46
N ASN A 183 -18.44 -2.89 5.32
CA ASN A 183 -19.15 -2.49 6.51
C ASN A 183 -18.20 -2.44 7.74
N ARG A 184 -17.79 -1.22 8.10
CA ARG A 184 -16.87 -1.02 9.23
C ARG A 184 -17.76 -0.51 10.36
N LEU A 185 -17.93 -1.37 11.35
CA LEU A 185 -18.89 -1.22 12.42
C LEU A 185 -18.79 0.10 13.21
N ASP A 186 -17.56 0.49 13.59
CA ASP A 186 -17.32 1.74 14.31
C ASP A 186 -17.77 2.99 13.54
N ASP A 187 -17.56 3.00 12.22
CA ASP A 187 -18.00 4.11 11.35
C ASP A 187 -19.53 4.28 11.47
N VAL A 188 -20.24 3.14 11.45
CA VAL A 188 -21.70 3.13 11.59
C VAL A 188 -22.09 3.63 12.97
N ARG A 189 -21.41 3.11 13.99
CA ARG A 189 -21.65 3.54 15.36
C ARG A 189 -21.41 5.03 15.56
N ASN A 190 -20.29 5.51 15.02
CA ASN A 190 -19.87 6.89 15.15
C ASN A 190 -20.59 7.83 14.19
N ARG A 191 -21.52 7.28 13.40
CA ARG A 191 -22.30 8.04 12.43
C ARG A 191 -21.32 8.83 11.55
N PHE A 192 -20.30 8.14 11.03
CA PHE A 192 -19.20 8.79 10.30
C PHE A 192 -19.61 9.21 8.89
N LEU A 222 -20.08 7.07 4.94
CA LEU A 222 -19.15 6.88 3.82
C LEU A 222 -19.61 5.79 2.86
N ALA A 223 -20.21 4.73 3.40
CA ALA A 223 -20.78 3.66 2.58
C ALA A 223 -21.81 4.17 1.56
N ALA A 224 -22.70 5.07 2.01
CA ALA A 224 -23.73 5.66 1.14
C ALA A 224 -23.12 6.56 0.06
N TYR A 225 -22.12 7.36 0.44
CA TYR A 225 -21.44 8.25 -0.50
C TYR A 225 -20.70 7.49 -1.60
N VAL A 226 -20.04 6.40 -1.23
CA VAL A 226 -19.37 5.53 -2.20
C VAL A 226 -20.37 4.86 -3.12
N ALA A 227 -21.50 4.42 -2.59
CA ALA A 227 -22.51 3.74 -3.40
C ALA A 227 -23.09 4.71 -4.43
N LYS A 228 -23.13 5.99 -4.06
CA LYS A 228 -23.58 7.06 -4.96
C LYS A 228 -22.55 7.36 -6.05
N ALA A 229 -21.26 7.19 -5.73
CA ALA A 229 -20.16 7.63 -6.59
C ALA A 229 -19.48 6.52 -7.39
N ILE A 230 -19.18 5.39 -6.74
CA ILE A 230 -18.36 4.31 -7.35
C ILE A 230 -19.25 3.34 -8.12
N ASP A 231 -18.77 2.88 -9.27
CA ASP A 231 -19.57 2.01 -10.13
C ASP A 231 -19.41 0.53 -9.77
N PRO A 232 -20.48 -0.10 -9.22
CA PRO A 232 -20.43 -1.50 -8.86
C PRO A 232 -20.52 -2.44 -10.05
N SER A 233 -20.84 -1.87 -11.23
CA SER A 233 -20.98 -2.64 -12.46
C SER A 233 -19.62 -2.99 -13.10
N ILE A 234 -18.54 -2.47 -12.50
CA ILE A 234 -17.17 -2.67 -12.96
C ILE A 234 -16.84 -4.15 -13.33
N SER A 235 -16.46 -4.39 -14.58
CA SER A 235 -15.99 -5.72 -14.98
C SER A 235 -14.68 -5.65 -15.75
N TRP A 236 -14.26 -6.78 -16.31
CA TRP A 236 -13.02 -6.85 -17.10
C TRP A 236 -13.10 -5.98 -18.36
N GLU A 237 -14.33 -5.71 -18.84
CA GLU A 237 -14.56 -4.78 -19.94
C GLU A 237 -14.04 -3.38 -19.63
N ASP A 238 -14.28 -2.93 -18.40
CA ASP A 238 -13.84 -1.60 -17.96
C ASP A 238 -12.33 -1.52 -17.77
N ILE A 239 -11.73 -2.66 -17.48
CA ILE A 239 -10.30 -2.76 -17.44
C ILE A 239 -9.71 -2.66 -18.85
N LYS A 240 -10.39 -3.25 -19.83
CA LYS A 240 -9.97 -3.11 -21.24
C LYS A 240 -10.10 -1.65 -21.67
N TRP A 241 -11.23 -1.03 -21.32
CA TRP A 241 -11.40 0.43 -21.51
C TRP A 241 -10.20 1.18 -20.93
N LEU A 242 -9.92 0.92 -19.66
CA LEU A 242 -8.86 1.67 -19.00
C LEU A 242 -7.49 1.42 -19.63
N ARG A 243 -7.24 0.19 -20.04
CA ARG A 243 -6.01 -0.16 -20.73
C ARG A 243 -5.85 0.60 -22.08
N ARG A 244 -6.97 0.85 -22.79
CA ARG A 244 -6.98 1.64 -24.04
C ARG A 244 -6.80 3.16 -23.83
N LEU A 245 -7.23 3.62 -22.65
CA LEU A 245 -7.36 5.03 -22.29
C LEU A 245 -5.99 5.62 -22.00
N THR A 246 -5.11 4.81 -21.42
CA THR A 246 -3.81 5.29 -20.96
C THR A 246 -2.67 4.34 -21.35
N SER A 247 -1.52 4.92 -21.69
CA SER A 247 -0.27 4.18 -21.87
C SER A 247 0.55 4.05 -20.59
N LEU A 248 0.08 4.71 -19.52
CA LEU A 248 0.71 4.54 -18.22
C LEU A 248 0.63 3.10 -17.75
N PRO A 249 1.65 2.66 -17.00
CA PRO A 249 1.55 1.37 -16.31
C PRO A 249 0.26 1.29 -15.46
N ILE A 250 -0.41 0.15 -15.54
CA ILE A 250 -1.61 -0.07 -14.73
C ILE A 250 -1.44 -1.28 -13.83
N VAL A 251 -1.74 -1.08 -12.56
CA VAL A 251 -1.74 -2.16 -11.56
C VAL A 251 -3.16 -2.42 -11.06
N ALA A 252 -3.63 -3.65 -11.15
CA ALA A 252 -4.86 -4.06 -10.48
C ALA A 252 -4.62 -4.23 -8.97
N LYS A 253 -5.26 -3.36 -8.19
CA LYS A 253 -5.17 -3.40 -6.74
C LYS A 253 -6.42 -4.08 -6.14
N GLY A 254 -6.18 -5.11 -5.35
CA GLY A 254 -7.28 -5.76 -4.69
C GLY A 254 -7.50 -7.19 -5.11
N ILE A 255 -6.57 -7.74 -5.89
CA ILE A 255 -6.64 -9.13 -6.32
C ILE A 255 -6.27 -10.07 -5.18
N LEU A 256 -7.10 -11.09 -4.99
CA LEU A 256 -6.83 -12.13 -4.00
C LEU A 256 -6.80 -13.55 -4.57
N ARG A 257 -7.20 -13.72 -5.82
CA ARG A 257 -7.31 -15.04 -6.48
C ARG A 257 -6.32 -15.17 -7.63
N GLY A 258 -5.75 -16.37 -7.76
CA GLY A 258 -4.82 -16.68 -8.85
C GLY A 258 -5.45 -16.57 -10.23
N ASP A 259 -6.72 -16.95 -10.37
CA ASP A 259 -7.39 -16.83 -11.68
C ASP A 259 -7.62 -15.37 -12.10
N ASP A 260 -8.04 -14.51 -11.17
CA ASP A 260 -8.15 -13.06 -11.44
C ASP A 260 -6.78 -12.49 -11.81
N ALA A 261 -5.75 -12.86 -11.05
CA ALA A 261 -4.38 -12.44 -11.37
C ALA A 261 -4.01 -12.74 -12.82
N ARG A 262 -4.30 -13.97 -13.28
CA ARG A 262 -3.95 -14.34 -14.65
C ARG A 262 -4.79 -13.54 -15.63
N GLU A 263 -6.06 -13.32 -15.29
CA GLU A 263 -6.95 -12.48 -16.09
C GLU A 263 -6.41 -11.05 -16.22
N ALA A 264 -5.90 -10.50 -15.13
CA ALA A 264 -5.17 -9.23 -15.14
C ALA A 264 -4.00 -9.18 -16.14
N VAL A 265 -3.14 -10.21 -16.12
CA VAL A 265 -2.07 -10.41 -17.11
C VAL A 265 -2.58 -10.41 -18.58
N LYS A 266 -3.66 -11.15 -18.82
CA LYS A 266 -4.28 -11.27 -20.13
C LYS A 266 -4.78 -9.96 -20.70
N HIS A 267 -5.23 -9.07 -19.82
CA HIS A 267 -5.71 -7.74 -20.20
C HIS A 267 -4.59 -6.68 -20.30
N GLY A 268 -3.33 -7.13 -20.30
CA GLY A 268 -2.19 -6.23 -20.53
C GLY A 268 -1.89 -5.31 -19.37
N LEU A 269 -2.37 -5.67 -18.19
CA LEU A 269 -2.02 -4.96 -16.98
C LEU A 269 -0.55 -5.23 -16.65
N ASN A 270 0.08 -4.30 -15.92
CA ASN A 270 1.53 -4.34 -15.70
C ASN A 270 1.94 -4.81 -14.31
N GLY A 271 0.95 -4.99 -13.43
CA GLY A 271 1.24 -5.44 -12.09
C GLY A 271 -0.01 -5.86 -11.34
N ILE A 272 0.19 -6.61 -10.26
CA ILE A 272 -0.91 -6.98 -9.37
C ILE A 272 -0.57 -6.44 -8.00
N LEU A 273 -1.46 -5.65 -7.39
CA LEU A 273 -1.27 -5.40 -5.98
C LEU A 273 -2.18 -6.34 -5.16
N VAL A 274 -1.59 -7.39 -4.59
CA VAL A 274 -2.28 -8.34 -3.72
C VAL A 274 -2.67 -7.58 -2.45
N SER A 275 -3.98 -7.44 -2.27
CA SER A 275 -4.55 -6.54 -1.28
C SER A 275 -5.94 -7.03 -0.92
N ASN A 276 -6.28 -6.94 0.38
CA ASN A 276 -7.63 -7.12 0.83
C ASN A 276 -8.14 -5.79 1.36
N HIS A 277 -7.54 -4.71 0.87
CA HIS A 277 -7.93 -3.32 1.14
C HIS A 277 -7.72 -3.05 2.62
N GLY A 278 -6.63 -3.56 3.17
CA GLY A 278 -6.41 -3.49 4.63
C GLY A 278 -7.51 -4.07 5.50
N ALA A 279 -8.12 -5.15 5.03
CA ALA A 279 -9.15 -5.89 5.76
C ALA A 279 -10.43 -5.06 5.99
N ARG A 280 -10.67 -4.08 5.11
CA ARG A 280 -11.77 -3.12 5.26
C ARG A 280 -12.92 -3.37 4.30
N GLN A 281 -12.74 -4.33 3.38
CA GLN A 281 -13.78 -4.67 2.43
C GLN A 281 -14.52 -5.93 2.85
N LEU A 282 -14.17 -7.08 2.26
CA LEU A 282 -14.79 -8.35 2.63
C LEU A 282 -14.02 -8.96 3.79
N ASP A 283 -14.67 -9.12 4.92
CA ASP A 283 -14.04 -9.77 6.05
C ASP A 283 -14.05 -11.29 5.90
N GLY A 284 -12.97 -11.92 6.35
CA GLY A 284 -12.86 -13.39 6.24
C GLY A 284 -12.09 -13.83 5.01
N VAL A 285 -11.57 -12.86 4.27
CA VAL A 285 -10.64 -13.16 3.18
C VAL A 285 -9.28 -13.48 3.83
N PRO A 286 -8.40 -14.25 3.13
CA PRO A 286 -7.10 -14.53 3.73
C PRO A 286 -6.24 -13.28 3.89
N ALA A 287 -5.28 -13.36 4.82
CA ALA A 287 -4.20 -12.41 4.88
C ALA A 287 -3.48 -12.36 3.52
N THR A 288 -3.06 -11.16 3.15
CA THR A 288 -2.36 -10.97 1.88
C THR A 288 -1.05 -11.76 1.81
N ILE A 289 -0.37 -11.92 2.93
CA ILE A 289 0.91 -12.66 2.94
C ILE A 289 0.68 -14.13 2.64
N ASP A 290 -0.48 -14.65 3.04
CA ASP A 290 -0.81 -16.05 2.82
C ASP A 290 -1.20 -16.33 1.37
N VAL A 291 -1.83 -15.37 0.68
CA VAL A 291 -2.20 -15.61 -0.73
C VAL A 291 -1.15 -15.21 -1.76
N LEU A 292 -0.22 -14.35 -1.35
CA LEU A 292 0.86 -13.86 -2.23
C LEU A 292 1.60 -14.93 -3.04
N PRO A 293 2.11 -15.99 -2.37
CA PRO A 293 2.82 -17.03 -3.09
C PRO A 293 1.97 -17.70 -4.18
N GLU A 294 0.67 -17.91 -3.95
CA GLU A 294 -0.14 -18.47 -5.03
C GLU A 294 -0.40 -17.51 -6.18
N ILE A 295 -0.51 -16.21 -5.89
CA ILE A 295 -0.64 -15.18 -6.92
C ILE A 295 0.64 -15.08 -7.74
N VAL A 296 1.76 -15.12 -7.02
CA VAL A 296 3.09 -15.06 -7.60
C VAL A 296 3.25 -16.26 -8.54
N GLU A 297 2.88 -17.45 -8.06
CA GLU A 297 2.94 -18.66 -8.90
C GLU A 297 2.04 -18.54 -10.12
N ALA A 298 0.82 -18.04 -9.93
CA ALA A 298 -0.19 -17.99 -11.00
C ALA A 298 0.25 -17.10 -12.17
N VAL A 299 0.99 -16.05 -11.83
CA VAL A 299 1.36 -14.98 -12.75
C VAL A 299 2.60 -15.39 -13.57
N GLU A 300 3.40 -16.32 -13.05
CA GLU A 300 4.53 -16.92 -13.83
C GLU A 300 5.60 -15.90 -14.25
N GLY A 301 5.85 -14.92 -13.37
CA GLY A 301 6.76 -13.79 -13.65
C GLY A 301 6.37 -12.87 -14.80
N LYS A 302 5.12 -12.91 -15.22
CA LYS A 302 4.71 -12.13 -16.39
C LYS A 302 4.52 -10.66 -16.06
N VAL A 303 4.37 -10.36 -14.77
CA VAL A 303 3.91 -9.07 -14.30
C VAL A 303 4.49 -8.91 -12.88
N GLU A 304 4.72 -7.68 -12.43
CA GLU A 304 5.22 -7.43 -11.09
C GLU A 304 4.09 -7.62 -10.10
N VAL A 305 4.40 -8.22 -8.96
CA VAL A 305 3.42 -8.48 -7.90
C VAL A 305 3.85 -7.75 -6.62
N PHE A 306 2.94 -6.96 -6.07
CA PHE A 306 3.15 -6.18 -4.85
C PHE A 306 2.23 -6.71 -3.75
N LEU A 307 2.48 -6.28 -2.51
CA LEU A 307 1.59 -6.64 -1.38
C LEU A 307 1.30 -5.41 -0.51
N ASP A 308 0.09 -5.32 0.02
CA ASP A 308 -0.14 -4.44 1.19
C ASP A 308 -1.03 -5.20 2.16
N GLY A 309 -1.19 -4.67 3.36
CA GLY A 309 -2.01 -5.33 4.36
C GLY A 309 -1.22 -5.89 5.51
N GLY A 310 -1.06 -5.09 6.56
CA GLY A 310 -0.44 -5.56 7.78
C GLY A 310 1.06 -5.42 7.85
N VAL A 311 1.64 -4.66 6.93
CA VAL A 311 3.08 -4.35 7.00
C VAL A 311 3.30 -3.35 8.12
N ARG A 312 4.11 -3.74 9.11
CA ARG A 312 4.32 -2.92 10.32
C ARG A 312 5.83 -2.88 10.65
N LYS A 313 6.57 -3.85 10.09
CA LYS A 313 7.95 -4.13 10.49
C LYS A 313 8.83 -4.44 9.28
N GLY A 314 10.13 -4.21 9.42
CA GLY A 314 11.14 -4.64 8.44
C GLY A 314 11.05 -6.12 8.07
N THR A 315 10.84 -7.00 9.05
CA THR A 315 10.69 -8.43 8.76
C THR A 315 9.46 -8.74 7.86
N ASP A 316 8.37 -7.96 7.99
CA ASP A 316 7.19 -8.11 7.12
C ASP A 316 7.61 -7.87 5.69
N VAL A 317 8.42 -6.84 5.49
CA VAL A 317 8.94 -6.49 4.17
C VAL A 317 9.79 -7.63 3.60
N LEU A 318 10.72 -8.16 4.41
CA LEU A 318 11.60 -9.25 4.00
C LEU A 318 10.78 -10.48 3.58
N LYS A 319 9.77 -10.81 4.40
CA LYS A 319 8.97 -12.00 4.21
C LYS A 319 8.17 -11.93 2.92
N ALA A 320 7.55 -10.77 2.66
CA ALA A 320 6.87 -10.50 1.35
C ALA A 320 7.77 -10.64 0.12
N LEU A 321 8.95 -10.05 0.19
CA LEU A 321 9.93 -10.18 -0.90
C LEU A 321 10.42 -11.64 -1.08
N ALA A 322 10.66 -12.35 0.01
CA ALA A 322 11.08 -13.75 -0.04
C ALA A 322 9.99 -14.59 -0.74
N LEU A 323 8.74 -14.20 -0.53
CA LEU A 323 7.60 -14.83 -1.21
C LEU A 323 7.34 -14.37 -2.66
N GLY A 324 8.05 -13.34 -3.14
CA GLY A 324 7.94 -12.97 -4.57
C GLY A 324 7.43 -11.59 -4.89
N ALA A 325 6.98 -10.85 -3.87
CA ALA A 325 6.59 -9.44 -4.01
C ALA A 325 7.79 -8.56 -4.35
N LYS A 326 7.59 -7.67 -5.33
CA LYS A 326 8.62 -6.72 -5.76
C LYS A 326 8.76 -5.65 -4.68
N ALA A 327 7.63 -5.27 -4.11
CA ALA A 327 7.56 -4.17 -3.16
C ALA A 327 6.32 -4.26 -2.30
N VAL A 328 6.35 -3.62 -1.14
CA VAL A 328 5.13 -3.52 -0.33
C VAL A 328 4.67 -2.09 -0.19
N PHE A 329 3.38 -1.96 0.12
CA PHE A 329 2.77 -0.67 0.38
C PHE A 329 2.27 -0.63 1.79
N VAL A 330 2.41 0.53 2.41
CA VAL A 330 1.86 0.74 3.75
C VAL A 330 0.70 1.73 3.70
N GLY A 331 -0.39 1.36 4.36
CA GLY A 331 -1.53 2.26 4.49
C GLY A 331 -1.54 2.99 5.83
N ARG A 332 -2.05 2.33 6.85
CA ARG A 332 -2.21 2.92 8.18
C ARG A 332 -0.97 3.57 8.83
N PRO A 333 0.20 2.91 8.77
CA PRO A 333 1.39 3.52 9.41
C PRO A 333 1.64 4.96 8.94
N ILE A 334 1.29 5.25 7.69
CA ILE A 334 1.48 6.59 7.13
C ILE A 334 0.55 7.61 7.81
N VAL A 335 -0.69 7.20 8.08
CA VAL A 335 -1.69 8.05 8.74
C VAL A 335 -1.28 8.32 10.19
N TRP A 336 -0.77 7.28 10.86
CA TRP A 336 -0.23 7.42 12.22
C TRP A 336 0.94 8.41 12.24
N GLY A 337 1.82 8.29 11.25
CA GLY A 337 2.94 9.23 11.06
C GLY A 337 2.47 10.68 10.94
N LEU A 338 1.48 10.87 10.09
CA LEU A 338 0.86 12.19 9.86
C LEU A 338 0.27 12.75 11.16
N ALA A 339 -0.43 11.89 11.90
CA ALA A 339 -1.08 12.26 13.17
C ALA A 339 -0.06 12.69 14.24
N PHE A 340 1.13 12.11 14.17
CA PHE A 340 2.19 12.45 15.11
C PHE A 340 2.84 13.80 14.77
N GLN A 341 3.26 13.98 13.50
CA GLN A 341 3.97 15.22 13.11
C GLN A 341 3.96 15.56 11.60
N GLY A 342 2.85 15.31 10.92
CA GLY A 342 2.76 15.71 9.50
C GLY A 342 3.90 15.10 8.71
N GLU A 343 4.55 15.92 7.89
CA GLU A 343 5.66 15.45 7.06
C GLU A 343 6.72 14.66 7.80
N LYS A 344 7.20 15.19 8.92
CA LYS A 344 8.28 14.53 9.65
C LYS A 344 7.83 13.20 10.20
N GLY A 345 6.57 13.13 10.63
CA GLY A 345 5.97 11.90 11.12
C GLY A 345 5.99 10.83 10.03
N VAL A 346 5.52 11.18 8.84
CA VAL A 346 5.55 10.24 7.72
C VAL A 346 7.00 9.80 7.45
N GLN A 347 7.90 10.80 7.39
CA GLN A 347 9.33 10.54 7.19
C GLN A 347 9.88 9.55 8.23
N ASP A 348 9.51 9.77 9.50
CA ASP A 348 9.90 8.90 10.63
C ASP A 348 9.43 7.47 10.45
N VAL A 349 8.17 7.32 10.04
CA VAL A 349 7.54 6.01 9.87
C VAL A 349 8.24 5.30 8.73
N LEU A 350 8.44 6.01 7.62
CA LEU A 350 9.16 5.44 6.48
C LEU A 350 10.61 5.03 6.78
N GLU A 351 11.28 5.83 7.60
CA GLU A 351 12.66 5.57 8.01
C GLU A 351 12.72 4.44 9.03
N ILE A 352 11.72 4.34 9.90
CA ILE A 352 11.66 3.16 10.78
C ILE A 352 11.55 1.88 9.96
N LEU A 353 10.66 1.90 8.97
CA LEU A 353 10.47 0.74 8.10
C LEU A 353 11.73 0.40 7.28
N LYS A 354 12.37 1.44 6.75
CA LYS A 354 13.60 1.29 5.97
C LYS A 354 14.72 0.58 6.75
N GLU A 355 14.99 1.10 7.93
CA GLU A 355 16.09 0.67 8.79
C GLU A 355 15.79 -0.65 9.49
N GLU A 356 14.53 -0.86 9.85
CA GLU A 356 14.11 -2.17 10.33
C GLU A 356 14.35 -3.19 9.22
N PHE A 357 13.99 -2.82 8.00
CA PHE A 357 14.19 -3.68 6.86
C PHE A 357 15.67 -3.88 6.55
N ARG A 358 16.46 -2.80 6.63
CA ARG A 358 17.90 -2.92 6.44
C ARG A 358 18.52 -3.95 7.42
N LEU A 359 18.20 -3.80 8.71
CA LEU A 359 18.61 -4.75 9.76
C LEU A 359 18.17 -6.21 9.50
N ALA A 360 16.88 -6.42 9.22
CA ALA A 360 16.39 -7.77 8.98
C ALA A 360 17.14 -8.36 7.76
N MET A 361 17.33 -7.55 6.72
CA MET A 361 18.12 -7.96 5.57
C MET A 361 19.56 -8.41 5.93
N ALA A 362 20.28 -7.56 6.67
CA ALA A 362 21.64 -7.85 7.11
C ALA A 362 21.70 -9.09 8.03
N LEU A 363 20.74 -9.20 8.95
CA LEU A 363 20.73 -10.35 9.86
C LEU A 363 20.44 -11.66 9.14
N SER A 364 19.73 -11.55 8.02
CA SER A 364 19.37 -12.73 7.23
C SER A 364 20.38 -13.02 6.12
N GLY A 365 21.46 -12.24 6.08
CA GLY A 365 22.55 -12.48 5.12
C GLY A 365 22.32 -11.86 3.74
N CYS A 366 21.40 -10.91 3.64
CA CYS A 366 21.09 -10.29 2.34
C CYS A 366 21.65 -8.87 2.20
N GLN A 367 22.56 -8.67 1.25
CA GLN A 367 23.18 -7.37 0.97
C GLN A 367 22.31 -6.42 0.15
N ASN A 368 21.39 -6.99 -0.62
CA ASN A 368 20.49 -6.24 -1.48
C ASN A 368 19.27 -7.10 -1.77
N VAL A 369 18.28 -6.56 -2.49
CA VAL A 369 17.02 -7.26 -2.67
C VAL A 369 17.09 -8.43 -3.67
N LYS A 370 18.11 -8.42 -4.53
CA LYS A 370 18.29 -9.45 -5.57
C LYS A 370 18.62 -10.79 -4.94
N VAL A 371 19.24 -10.74 -3.76
CA VAL A 371 19.68 -12.00 -3.16
C VAL A 371 18.65 -12.55 -2.17
N ILE A 372 17.55 -11.84 -1.98
CA ILE A 372 16.43 -12.37 -1.20
C ILE A 372 15.83 -13.52 -2.02
N ASP A 373 15.69 -14.70 -1.41
CA ASP A 373 15.14 -15.83 -2.12
C ASP A 373 14.11 -16.56 -1.25
N LYS A 374 13.48 -17.56 -1.86
CA LYS A 374 12.35 -18.26 -1.25
C LYS A 374 12.73 -19.20 -0.09
N THR A 375 13.98 -19.67 -0.04
CA THR A 375 14.46 -20.50 1.08
C THR A 375 14.59 -19.69 2.37
N LEU A 376 14.45 -18.38 2.28
CA LEU A 376 14.46 -17.53 3.46
C LEU A 376 13.24 -17.70 4.36
N VAL A 377 12.16 -18.29 3.83
CA VAL A 377 10.89 -18.40 4.59
C VAL A 377 10.25 -19.77 4.54
N ARG A 378 9.56 -20.13 5.61
CA ARG A 378 8.77 -21.36 5.69
C ARG A 378 7.64 -21.13 6.67
N LYS A 379 6.42 -21.51 6.28
CA LYS A 379 5.26 -21.27 7.15
C LYS A 379 5.15 -22.35 8.21
N ASN A 380 4.84 -21.93 9.43
CA ASN A 380 4.72 -22.82 10.59
C ASN A 380 3.33 -23.47 10.76
#